data_7Y6M
#
_entry.id   7Y6M
#
_cell.length_a   64.057
_cell.length_b   78.778
_cell.length_c   113.190
_cell.angle_alpha   90.000
_cell.angle_beta   90.000
_cell.angle_gamma   90.000
#
_symmetry.space_group_name_H-M   'P 21 21 21'
#
loop_
_entity.id
_entity.type
_entity.pdbx_description
1 polymer 'Intracellular serine protease'
2 non-polymer DI(HYDROXYETHYL)ETHER
3 non-polymer 'CALCIUM ION'
4 water water
#
_entity_poly.entity_id   1
_entity_poly.type   'polypeptide(L)'
_entity_poly.pdbx_seq_one_letter_code
;MASMTGGQQMGRDPNSMKGEIRLIPYEVKANVMEAKETPESIQEIKAPELWSSGFKGKGITIAVLDTGCDTEHPDLKDQI
IGGKNFTDDDDGDAENVKDYNGHGTHVAGTIAATDQNGGILGVAPEAKLLIVKVLGGENGSGKYEWIIDGINYAAEQKVD
IISMSLGGPSNEPALQEAIQNAVKSGVLVVCAAGNEGDGDERTEEFSYPAAYNEVIAVGSVSLARESSEFSNANKEIDLV
APGEDILSTLPNHKYGRLTGTSMAAPHVSGALAIIKNAEEEAFQRKLTEPEIYAQLVRRTLPLKQSKALVGNGFLYLTAP
DVLLEKTLEADLLSLLEHHHHHH
;
_entity_poly.pdbx_strand_id   C,D,A,B
#
loop_
_chem_comp.id
_chem_comp.type
_chem_comp.name
_chem_comp.formula
CA non-polymer 'CALCIUM ION' 'Ca 2'
PEG non-polymer DI(HYDROXYETHYL)ETHER 'C4 H10 O3'
#
# COMPACT_ATOMS: atom_id res chain seq x y z
N LYS A 36 -14.96 -32.20 3.62
CA LYS A 36 -13.54 -32.35 3.96
C LYS A 36 -12.64 -32.08 2.74
N GLU A 37 -12.59 -30.81 2.33
CA GLU A 37 -11.66 -30.37 1.31
C GLU A 37 -11.46 -28.87 1.47
N THR A 38 -11.87 -28.13 0.46
CA THR A 38 -11.65 -26.71 0.37
C THR A 38 -12.93 -26.05 -0.10
N PRO A 39 -13.64 -25.35 0.82
CA PRO A 39 -14.85 -24.60 0.44
C PRO A 39 -14.68 -23.87 -0.88
N GLU A 40 -15.59 -24.09 -1.83
CA GLU A 40 -15.46 -23.49 -3.15
C GLU A 40 -15.09 -22.02 -3.04
N SER A 41 -15.59 -21.36 -2.00
CA SER A 41 -15.24 -19.96 -1.74
C SER A 41 -13.73 -19.76 -1.71
N ILE A 42 -13.02 -20.59 -0.95
CA ILE A 42 -11.58 -20.45 -0.74
C ILE A 42 -10.78 -20.80 -1.99
N GLN A 43 -11.31 -21.67 -2.85
CA GLN A 43 -10.65 -21.88 -4.14
C GLN A 43 -10.87 -20.69 -5.06
N GLU A 44 -12.03 -20.05 -4.95
CA GLU A 44 -12.32 -18.91 -5.79
C GLU A 44 -11.34 -17.76 -5.55
N ILE A 45 -10.92 -17.56 -4.29
CA ILE A 45 -9.96 -16.49 -4.00
C ILE A 45 -8.52 -16.88 -4.28
N LYS A 46 -8.29 -18.12 -4.70
CA LYS A 46 -7.04 -18.62 -5.29
C LYS A 46 -5.99 -18.97 -4.26
N ALA A 47 -6.43 -19.26 -3.03
CA ALA A 47 -5.51 -19.68 -1.98
C ALA A 47 -4.78 -20.99 -2.27
N PRO A 48 -5.37 -22.01 -2.92
CA PRO A 48 -4.58 -23.23 -3.19
C PRO A 48 -3.33 -22.97 -4.00
N GLU A 49 -3.43 -22.14 -5.03
CA GLU A 49 -2.28 -21.82 -5.87
C GLU A 49 -1.17 -21.13 -5.11
N LEU A 50 -1.41 -20.69 -3.88
CA LEU A 50 -0.35 -20.19 -3.01
C LEU A 50 0.17 -21.23 -2.04
N TRP A 51 -0.68 -22.19 -1.67
CA TRP A 51 -0.22 -23.35 -0.91
C TRP A 51 0.87 -24.11 -1.67
N SER A 52 0.67 -24.29 -2.98
CA SER A 52 1.70 -24.92 -3.83
C SER A 52 3.10 -24.39 -3.53
N SER A 53 3.26 -23.08 -3.55
CA SER A 53 4.56 -22.48 -3.26
C SER A 53 4.91 -22.53 -1.76
N GLY A 54 4.13 -23.26 -0.97
CA GLY A 54 4.46 -23.36 0.44
C GLY A 54 4.04 -22.16 1.26
N PHE A 55 3.01 -21.44 0.83
CA PHE A 55 2.47 -20.29 1.56
C PHE A 55 1.11 -20.70 2.14
N LYS A 56 1.13 -21.21 3.38
CA LYS A 56 -0.09 -21.69 4.03
C LYS A 56 -0.37 -20.98 5.34
N GLY A 57 0.42 -19.96 5.69
CA GLY A 57 0.16 -19.13 6.85
C GLY A 57 1.16 -19.25 7.96
N LYS A 58 2.14 -20.15 7.85
CA LYS A 58 2.99 -20.50 8.98
C LYS A 58 3.73 -19.28 9.52
N GLY A 59 3.66 -19.08 10.83
CA GLY A 59 4.32 -17.97 11.47
C GLY A 59 3.43 -16.77 11.69
N ILE A 60 2.15 -16.89 11.37
CA ILE A 60 1.22 -15.77 11.45
C ILE A 60 0.22 -16.05 12.56
N THR A 61 0.09 -15.09 13.47
CA THR A 61 -0.93 -15.11 14.52
C THR A 61 -2.02 -14.10 14.17
N ILE A 62 -3.27 -14.54 14.30
CA ILE A 62 -4.42 -13.76 13.87
C ILE A 62 -5.39 -13.74 15.02
N ALA A 63 -5.60 -12.57 15.60
CA ALA A 63 -6.60 -12.45 16.66
C ALA A 63 -7.99 -12.32 16.03
N VAL A 64 -8.95 -13.07 16.58
CA VAL A 64 -10.28 -13.23 15.98
C VAL A 64 -11.28 -12.62 16.95
N LEU A 65 -11.66 -11.39 16.69
CA LEU A 65 -12.54 -10.65 17.59
C LEU A 65 -13.99 -10.93 17.22
N ASP A 66 -14.60 -11.90 17.88
CA ASP A 66 -15.91 -12.39 17.46
C ASP A 66 -16.70 -12.85 18.69
N THR A 67 -17.78 -13.61 18.46
CA THR A 67 -18.60 -14.24 19.49
C THR A 67 -17.89 -15.36 20.20
N GLY A 68 -16.57 -15.52 20.04
CA GLY A 68 -15.88 -16.63 20.62
C GLY A 68 -15.65 -17.74 19.62
N CYS A 69 -15.33 -18.91 20.16
CA CYS A 69 -14.97 -20.06 19.33
C CYS A 69 -14.96 -21.32 20.20
N ASP A 70 -15.69 -22.36 19.78
CA ASP A 70 -15.53 -23.66 20.41
C ASP A 70 -14.15 -24.21 20.10
N THR A 71 -13.27 -24.18 21.10
CA THR A 71 -11.84 -24.43 20.92
C THR A 71 -11.49 -25.90 20.78
N GLU A 72 -12.47 -26.79 20.97
CA GLU A 72 -12.25 -28.23 20.90
C GLU A 72 -12.65 -28.82 19.55
N HIS A 73 -13.26 -28.03 18.68
CA HIS A 73 -13.57 -28.51 17.34
C HIS A 73 -12.31 -29.10 16.71
N PRO A 74 -12.39 -30.33 16.18
CA PRO A 74 -11.20 -30.96 15.56
C PRO A 74 -10.56 -30.12 14.49
N ASP A 75 -11.34 -29.53 13.61
CA ASP A 75 -10.75 -28.70 12.57
C ASP A 75 -10.08 -27.44 13.11
N LEU A 76 -10.09 -27.19 14.43
CA LEU A 76 -9.51 -25.97 14.99
C LEU A 76 -8.62 -26.17 16.21
N LYS A 77 -8.70 -27.32 16.88
CA LYS A 77 -8.14 -27.46 18.23
C LYS A 77 -6.67 -27.03 18.32
N ASP A 78 -5.84 -27.50 17.39
CA ASP A 78 -4.41 -27.18 17.40
C ASP A 78 -4.08 -25.92 16.64
N GLN A 79 -5.10 -25.24 16.12
CA GLN A 79 -4.90 -23.92 15.54
C GLN A 79 -4.97 -22.84 16.61
N ILE A 80 -5.83 -23.02 17.61
CA ILE A 80 -5.99 -22.01 18.65
C ILE A 80 -4.78 -22.02 19.58
N ILE A 81 -4.27 -20.82 19.87
CA ILE A 81 -3.09 -20.61 20.72
C ILE A 81 -3.46 -19.91 22.02
N GLY A 82 -4.62 -19.27 22.09
CA GLY A 82 -5.07 -18.60 23.31
C GLY A 82 -6.53 -18.19 23.16
N GLY A 83 -7.14 -17.89 24.30
CA GLY A 83 -8.52 -17.39 24.31
C GLY A 83 -8.81 -16.42 25.44
N LYS A 84 -9.54 -15.33 25.17
CA LYS A 84 -9.77 -14.31 26.18
C LYS A 84 -11.13 -13.66 26.04
N ASN A 85 -11.90 -13.68 27.14
CA ASN A 85 -13.27 -13.19 27.20
C ASN A 85 -13.27 -11.76 27.68
N PHE A 86 -14.05 -10.90 27.02
CA PHE A 86 -14.25 -9.55 27.50
C PHE A 86 -15.73 -9.23 27.64
N THR A 87 -16.61 -10.16 27.29
CA THR A 87 -18.05 -10.01 27.42
C THR A 87 -18.52 -10.53 28.77
N ASP A 88 -19.85 -10.50 28.95
CA ASP A 88 -20.43 -10.73 30.27
C ASP A 88 -20.55 -12.21 30.61
N ASP A 89 -20.96 -13.03 29.63
CA ASP A 89 -21.09 -14.49 29.73
C ASP A 89 -20.10 -15.17 30.67
N ASP A 90 -20.58 -16.17 31.42
CA ASP A 90 -19.71 -16.96 32.31
C ASP A 90 -19.09 -16.11 33.41
N ASP A 91 -19.89 -15.19 33.98
CA ASP A 91 -19.45 -14.31 35.08
C ASP A 91 -18.21 -13.52 34.71
N GLY A 92 -18.04 -13.19 33.44
CA GLY A 92 -16.76 -12.67 33.01
C GLY A 92 -15.60 -13.55 33.39
N ASP A 93 -15.74 -14.86 33.25
CA ASP A 93 -14.56 -15.71 33.27
C ASP A 93 -13.78 -15.41 31.99
N ALA A 94 -12.61 -14.80 32.14
CA ALA A 94 -11.87 -14.32 30.99
C ALA A 94 -11.35 -15.47 30.13
N GLU A 95 -11.12 -16.64 30.73
CA GLU A 95 -10.60 -17.78 29.97
C GLU A 95 -11.69 -18.57 29.28
N ASN A 96 -12.95 -18.28 29.57
CA ASN A 96 -14.07 -18.96 28.93
C ASN A 96 -14.45 -18.18 27.68
N VAL A 97 -14.40 -18.84 26.52
CA VAL A 97 -14.63 -18.16 25.25
C VAL A 97 -15.69 -18.91 24.45
N LYS A 98 -16.53 -19.69 25.13
CA LYS A 98 -17.45 -20.60 24.45
C LYS A 98 -18.37 -19.85 23.48
N ASP A 99 -18.49 -20.35 22.26
CA ASP A 99 -19.22 -19.63 21.23
C ASP A 99 -20.68 -20.05 21.22
N TYR A 100 -21.52 -19.23 21.88
CA TYR A 100 -22.95 -19.47 21.91
C TYR A 100 -23.65 -19.16 20.59
N ASN A 101 -23.03 -18.43 19.68
CA ASN A 101 -23.71 -18.03 18.45
C ASN A 101 -23.38 -18.93 17.27
N GLY A 102 -22.11 -19.27 17.10
CA GLY A 102 -21.65 -20.06 15.96
C GLY A 102 -20.70 -19.28 15.07
N HIS A 103 -21.04 -18.01 14.84
CA HIS A 103 -20.33 -17.19 13.87
C HIS A 103 -18.83 -17.17 14.15
N GLY A 104 -18.45 -17.09 15.44
CA GLY A 104 -17.04 -16.92 15.79
C GLY A 104 -16.20 -18.13 15.40
N THR A 105 -16.65 -19.31 15.75
CA THR A 105 -16.02 -20.53 15.26
C THR A 105 -16.07 -20.60 13.74
N HIS A 106 -17.22 -20.21 13.16
CA HIS A 106 -17.35 -20.18 11.70
C HIS A 106 -16.28 -19.29 11.07
N VAL A 107 -16.15 -18.05 11.57
CA VAL A 107 -15.07 -17.17 11.13
C VAL A 107 -13.73 -17.84 11.33
N ALA A 108 -13.53 -18.47 12.49
CA ALA A 108 -12.23 -19.08 12.75
C ALA A 108 -11.88 -20.06 11.63
N GLY A 109 -12.73 -21.07 11.44
CA GLY A 109 -12.51 -22.07 10.40
C GLY A 109 -12.17 -21.47 9.04
N THR A 110 -12.87 -20.40 8.65
CA THR A 110 -12.58 -19.81 7.34
C THR A 110 -11.15 -19.27 7.28
N ILE A 111 -10.69 -18.65 8.38
CA ILE A 111 -9.34 -18.13 8.39
C ILE A 111 -8.32 -19.27 8.30
N ALA A 112 -8.47 -20.29 9.16
CA ALA A 112 -7.34 -21.19 9.40
C ALA A 112 -7.77 -22.56 9.91
N ALA A 113 -8.82 -23.14 9.31
CA ALA A 113 -9.17 -24.52 9.65
C ALA A 113 -8.19 -25.48 9.01
N THR A 114 -7.66 -26.43 9.80
CA THR A 114 -6.80 -27.48 9.26
C THR A 114 -7.59 -28.75 8.98
N ASP A 115 -7.12 -29.52 7.99
CA ASP A 115 -7.70 -30.82 7.61
C ASP A 115 -6.98 -32.00 8.26
N GLN A 116 -6.01 -31.75 9.14
CA GLN A 116 -5.19 -32.82 9.68
C GLN A 116 -5.98 -33.82 10.53
N ASN A 117 -7.25 -33.55 10.81
CA ASN A 117 -8.14 -34.49 11.49
C ASN A 117 -9.25 -34.95 10.56
N GLY A 118 -9.00 -34.98 9.26
CA GLY A 118 -10.03 -35.34 8.29
C GLY A 118 -11.11 -34.32 8.09
N GLY A 119 -10.86 -33.04 8.40
CA GLY A 119 -11.87 -32.01 8.32
C GLY A 119 -11.71 -31.04 7.17
N ILE A 120 -12.01 -29.78 7.41
CA ILE A 120 -12.10 -28.76 6.37
C ILE A 120 -10.87 -27.87 6.42
N LEU A 121 -10.68 -27.06 5.38
CA LEU A 121 -9.50 -26.19 5.22
C LEU A 121 -9.90 -24.71 5.31
N GLY A 122 -8.98 -23.92 5.87
CA GLY A 122 -9.09 -22.48 5.86
C GLY A 122 -8.09 -21.84 4.89
N VAL A 123 -8.20 -20.51 4.78
CA VAL A 123 -7.32 -19.81 3.86
C VAL A 123 -5.86 -19.90 4.31
N ALA A 124 -5.59 -20.01 5.61
CA ALA A 124 -4.21 -20.02 6.13
C ALA A 124 -4.07 -21.13 7.16
N PRO A 125 -4.15 -22.39 6.72
CA PRO A 125 -4.28 -23.51 7.67
C PRO A 125 -3.03 -23.83 8.45
N GLU A 126 -1.90 -23.19 8.19
CA GLU A 126 -0.74 -23.34 9.08
C GLU A 126 -0.52 -22.11 9.95
N ALA A 127 -1.48 -21.18 9.97
CA ALA A 127 -1.43 -20.04 10.86
C ALA A 127 -2.15 -20.33 12.18
N LYS A 128 -2.03 -19.39 13.12
CA LYS A 128 -2.54 -19.55 14.47
C LYS A 128 -3.57 -18.48 14.76
N LEU A 129 -4.65 -18.87 15.41
CA LEU A 129 -5.68 -17.96 15.85
C LEU A 129 -5.56 -17.68 17.34
N LEU A 130 -5.73 -16.42 17.71
CA LEU A 130 -6.06 -16.06 19.07
C LEU A 130 -7.54 -15.70 19.10
N ILE A 131 -8.26 -16.24 20.08
CA ILE A 131 -9.71 -16.11 20.13
C ILE A 131 -10.05 -14.96 21.06
N VAL A 132 -10.68 -13.92 20.53
CA VAL A 132 -11.10 -12.80 21.36
C VAL A 132 -12.62 -12.71 21.30
N LYS A 133 -13.26 -13.00 22.46
CA LYS A 133 -14.72 -13.05 22.60
C LYS A 133 -15.23 -11.67 23.01
N VAL A 134 -15.64 -10.86 22.05
CA VAL A 134 -16.12 -9.52 22.33
C VAL A 134 -17.61 -9.38 22.05
N LEU A 135 -18.30 -10.50 21.78
CA LEU A 135 -19.74 -10.51 21.60
C LEU A 135 -20.31 -11.61 22.48
N GLY A 136 -21.15 -11.23 23.44
CA GLY A 136 -21.76 -12.18 24.35
C GLY A 136 -23.19 -12.53 23.96
N GLY A 137 -23.74 -13.52 24.67
CA GLY A 137 -25.11 -13.93 24.43
C GLY A 137 -25.29 -14.53 23.06
N GLU A 138 -26.43 -15.15 22.79
CA GLU A 138 -26.51 -15.92 21.55
C GLU A 138 -26.89 -15.08 20.35
N ASN A 139 -27.65 -14.01 20.54
CA ASN A 139 -27.90 -13.12 19.41
C ASN A 139 -26.63 -12.41 18.96
N GLY A 140 -25.55 -12.47 19.74
CA GLY A 140 -24.22 -12.13 19.28
C GLY A 140 -23.98 -10.65 19.11
N SER A 141 -23.74 -9.99 20.25
CA SER A 141 -23.67 -8.52 20.30
C SER A 141 -22.89 -8.15 21.55
N GLY A 142 -21.97 -7.20 21.40
CA GLY A 142 -21.10 -6.81 22.48
C GLY A 142 -20.98 -5.31 22.56
N LYS A 143 -20.50 -4.84 23.71
CA LYS A 143 -20.38 -3.43 23.99
C LYS A 143 -19.06 -2.90 23.46
N TYR A 144 -19.08 -1.66 22.97
CA TYR A 144 -17.88 -1.08 22.37
C TYR A 144 -16.66 -1.25 23.26
N GLU A 145 -16.80 -1.01 24.57
CA GLU A 145 -15.64 -1.15 25.45
C GLU A 145 -15.07 -2.55 25.44
N TRP A 146 -15.92 -3.56 25.20
CA TRP A 146 -15.44 -4.92 25.04
C TRP A 146 -14.65 -5.08 23.75
N ILE A 147 -15.20 -4.55 22.65
CA ILE A 147 -14.47 -4.52 21.39
C ILE A 147 -13.14 -3.80 21.59
N ILE A 148 -13.16 -2.65 22.27
CA ILE A 148 -11.94 -1.90 22.50
C ILE A 148 -10.98 -2.70 23.35
N ASP A 149 -11.51 -3.35 24.40
CA ASP A 149 -10.69 -4.21 25.23
C ASP A 149 -9.94 -5.24 24.39
N GLY A 150 -10.66 -5.95 23.52
CA GLY A 150 -10.04 -7.00 22.71
C GLY A 150 -9.08 -6.48 21.67
N ILE A 151 -9.37 -5.31 21.09
CA ILE A 151 -8.44 -4.72 20.14
C ILE A 151 -7.14 -4.33 20.84
N ASN A 152 -7.23 -3.65 21.97
CA ASN A 152 -6.02 -3.30 22.70
C ASN A 152 -5.26 -4.55 23.14
N TYR A 153 -5.96 -5.54 23.69
CA TYR A 153 -5.35 -6.82 24.01
C TYR A 153 -4.60 -7.40 22.81
N ALA A 154 -5.32 -7.57 21.69
CA ALA A 154 -4.77 -8.24 20.52
C ALA A 154 -3.42 -7.66 20.11
N ALA A 155 -3.30 -6.32 20.18
CA ALA A 155 -2.06 -5.65 19.81
C ALA A 155 -0.97 -5.83 20.86
N GLU A 156 -1.31 -5.70 22.16
CA GLU A 156 -0.32 -5.97 23.20
C GLU A 156 0.26 -7.38 23.08
N GLN A 157 -0.55 -8.35 22.60
CA GLN A 157 -0.09 -9.67 22.25
C GLN A 157 0.58 -9.73 20.87
N LYS A 158 0.69 -8.60 20.18
CA LYS A 158 1.56 -8.47 19.01
C LYS A 158 1.15 -9.42 17.89
N VAL A 159 -0.16 -9.58 17.70
CA VAL A 159 -0.66 -10.34 16.56
C VAL A 159 -0.31 -9.62 15.25
N ASP A 160 -0.27 -10.38 14.18
CA ASP A 160 -0.11 -9.76 12.87
C ASP A 160 -1.44 -9.20 12.35
N ILE A 161 -2.55 -9.86 12.68
CA ILE A 161 -3.83 -9.60 12.02
C ILE A 161 -4.92 -9.60 13.08
N ILE A 162 -5.68 -8.52 13.13
CA ILE A 162 -6.95 -8.46 13.86
C ILE A 162 -8.04 -8.64 12.84
N SER A 163 -8.93 -9.60 13.09
CA SER A 163 -10.05 -9.90 12.21
C SER A 163 -11.35 -9.68 12.97
N MET A 164 -12.17 -8.77 12.47
CA MET A 164 -13.44 -8.42 13.10
C MET A 164 -14.54 -8.59 12.06
N SER A 165 -15.63 -9.23 12.46
CA SER A 165 -16.78 -9.37 11.59
C SER A 165 -18.01 -8.69 12.18
N LEU A 166 -17.80 -7.72 13.07
CA LEU A 166 -18.85 -6.97 13.72
C LEU A 166 -19.02 -5.59 13.09
N GLY A 167 -20.17 -4.98 13.37
CA GLY A 167 -20.41 -3.59 13.00
C GLY A 167 -21.16 -2.87 14.09
N GLY A 168 -20.94 -1.55 14.14
CA GLY A 168 -21.65 -0.67 15.05
C GLY A 168 -22.06 0.62 14.35
N PRO A 169 -23.28 1.10 14.59
CA PRO A 169 -23.76 2.24 13.79
C PRO A 169 -23.14 3.57 14.18
N SER A 170 -22.55 3.68 15.36
CA SER A 170 -22.03 4.96 15.81
C SER A 170 -20.49 4.99 15.76
N ASN A 171 -19.96 6.18 15.47
CA ASN A 171 -18.52 6.45 15.47
C ASN A 171 -18.13 6.97 16.86
N GLU A 172 -17.53 6.11 17.69
CA GLU A 172 -17.11 6.53 19.00
C GLU A 172 -15.60 6.79 19.02
N PRO A 173 -15.18 7.93 19.55
CA PRO A 173 -13.75 8.29 19.48
C PRO A 173 -12.82 7.34 20.22
N ALA A 174 -13.24 6.71 21.32
CA ALA A 174 -12.39 5.69 21.93
C ALA A 174 -12.16 4.52 20.98
N LEU A 175 -13.19 4.15 20.21
CA LEU A 175 -13.01 3.09 19.22
C LEU A 175 -11.95 3.50 18.20
N GLN A 176 -12.19 4.63 17.51
CA GLN A 176 -11.24 5.10 16.50
C GLN A 176 -9.81 5.06 17.02
N GLU A 177 -9.57 5.52 18.24
CA GLU A 177 -8.20 5.60 18.71
C GLU A 177 -7.61 4.22 18.91
N ALA A 178 -8.41 3.28 19.43
CA ALA A 178 -7.89 1.93 19.60
C ALA A 178 -7.48 1.35 18.26
N ILE A 179 -8.39 1.42 17.27
CA ILE A 179 -8.07 1.07 15.88
C ILE A 179 -6.76 1.74 15.45
N GLN A 180 -6.67 3.05 15.66
CA GLN A 180 -5.48 3.81 15.29
C GLN A 180 -4.23 3.25 15.95
N ASN A 181 -4.28 3.07 17.27
CA ASN A 181 -3.11 2.61 18.01
C ASN A 181 -2.61 1.25 17.53
N ALA A 182 -3.54 0.30 17.31
CA ALA A 182 -3.16 -1.02 16.82
C ALA A 182 -2.45 -0.93 15.47
N VAL A 183 -2.98 -0.11 14.54
CA VAL A 183 -2.41 -0.04 13.20
C VAL A 183 -1.01 0.56 13.24
N LYS A 184 -0.85 1.71 13.90
CA LYS A 184 0.50 2.24 14.05
C LYS A 184 1.43 1.23 14.73
N SER A 185 0.89 0.29 15.49
CA SER A 185 1.70 -0.76 16.10
C SER A 185 2.18 -1.80 15.09
N GLY A 186 1.67 -1.79 13.85
CA GLY A 186 2.01 -2.81 12.87
C GLY A 186 0.92 -3.84 12.59
N VAL A 187 -0.21 -3.79 13.29
CA VAL A 187 -1.26 -4.77 13.12
C VAL A 187 -2.10 -4.41 11.90
N LEU A 188 -2.39 -5.42 11.05
CA LEU A 188 -3.40 -5.28 10.01
C LEU A 188 -4.79 -5.48 10.61
N VAL A 189 -5.61 -4.45 10.53
CA VAL A 189 -6.93 -4.46 11.18
C VAL A 189 -8.01 -4.62 10.11
N VAL A 190 -8.62 -5.81 10.05
CA VAL A 190 -9.63 -6.14 9.03
C VAL A 190 -11.01 -6.17 9.67
N CYS A 191 -11.99 -5.60 8.97
CA CYS A 191 -13.36 -5.66 9.47
C CYS A 191 -14.34 -5.88 8.34
N ALA A 192 -15.42 -6.60 8.64
CA ALA A 192 -16.56 -6.64 7.72
C ALA A 192 -17.08 -5.23 7.49
N ALA A 193 -17.54 -4.96 6.28
CA ALA A 193 -17.87 -3.57 5.97
C ALA A 193 -19.23 -3.14 6.51
N GLY A 194 -20.15 -4.06 6.76
CA GLY A 194 -21.49 -3.64 7.12
C GLY A 194 -22.53 -4.25 6.20
N ASN A 195 -23.53 -4.87 6.82
CA ASN A 195 -24.63 -5.55 6.14
C ASN A 195 -25.78 -4.65 5.77
N GLU A 196 -25.76 -3.40 6.22
CA GLU A 196 -26.93 -2.54 6.19
C GLU A 196 -27.17 -1.90 4.83
N GLY A 197 -26.67 -2.52 3.75
CA GLY A 197 -26.72 -1.93 2.43
C GLY A 197 -27.96 -2.30 1.65
N ASP A 198 -28.23 -1.53 0.58
CA ASP A 198 -29.50 -1.58 -0.12
C ASP A 198 -29.40 -1.92 -1.60
N GLY A 199 -28.26 -1.69 -2.25
CA GLY A 199 -28.07 -1.94 -3.67
C GLY A 199 -27.75 -0.69 -4.46
N ASP A 200 -28.15 0.47 -3.96
CA ASP A 200 -27.84 1.74 -4.61
C ASP A 200 -26.47 2.22 -4.15
N GLU A 201 -25.55 2.36 -5.11
CA GLU A 201 -24.24 2.95 -4.87
C GLU A 201 -24.31 4.45 -4.62
N ARG A 202 -25.44 5.09 -4.90
CA ARG A 202 -25.58 6.50 -4.61
C ARG A 202 -25.93 6.75 -3.15
N THR A 203 -26.59 5.81 -2.50
CA THR A 203 -26.90 5.91 -1.08
C THR A 203 -25.89 5.12 -0.27
N GLU A 204 -25.33 5.76 0.77
CA GLU A 204 -24.27 5.21 1.59
C GLU A 204 -24.82 4.65 2.90
N GLU A 205 -24.13 3.66 3.45
CA GLU A 205 -24.30 3.25 4.84
C GLU A 205 -22.93 3.17 5.49
N PHE A 206 -22.86 3.55 6.76
CA PHE A 206 -21.60 3.54 7.49
C PHE A 206 -21.67 2.57 8.65
N SER A 207 -20.81 1.54 8.64
CA SER A 207 -20.62 0.65 9.78
C SER A 207 -19.25 0.87 10.39
N TYR A 208 -19.19 0.84 11.73
CA TYR A 208 -17.90 1.00 12.41
C TYR A 208 -17.51 -0.27 13.13
N PRO A 209 -16.21 -0.61 13.20
CA PRO A 209 -15.04 0.16 12.80
C PRO A 209 -14.68 0.21 11.31
N ALA A 210 -15.34 -0.60 10.47
CA ALA A 210 -15.03 -0.64 9.03
C ALA A 210 -14.85 0.75 8.39
N ALA A 211 -15.75 1.68 8.70
CA ALA A 211 -15.74 2.99 8.07
C ALA A 211 -14.47 3.81 8.34
N TYR A 212 -13.60 3.39 9.27
CA TYR A 212 -12.40 4.16 9.53
C TYR A 212 -11.36 3.89 8.46
N ASN A 213 -10.72 4.96 7.96
CA ASN A 213 -9.85 4.77 6.80
C ASN A 213 -8.81 3.69 7.07
N GLU A 214 -8.31 3.57 8.29
CA GLU A 214 -7.22 2.62 8.53
C GLU A 214 -7.67 1.17 8.34
N VAL A 215 -8.92 0.86 8.65
CA VAL A 215 -9.36 -0.52 8.62
C VAL A 215 -9.29 -1.05 7.20
N ILE A 216 -9.00 -2.34 7.04
CA ILE A 216 -9.20 -3.00 5.75
C ILE A 216 -10.66 -3.45 5.75
N ALA A 217 -11.53 -2.57 5.27
CA ALA A 217 -12.96 -2.84 5.21
C ALA A 217 -13.27 -3.75 4.02
N VAL A 218 -13.97 -4.85 4.31
CA VAL A 218 -14.22 -5.90 3.34
C VAL A 218 -15.70 -6.00 3.07
N GLY A 219 -16.09 -5.69 1.84
CA GLY A 219 -17.44 -5.95 1.39
C GLY A 219 -17.59 -7.36 0.87
N SER A 220 -18.84 -7.72 0.58
CA SER A 220 -19.18 -9.07 0.17
C SER A 220 -19.70 -9.06 -1.27
N VAL A 221 -19.50 -10.18 -1.96
CA VAL A 221 -19.96 -10.33 -3.33
C VAL A 221 -20.69 -11.65 -3.47
N SER A 222 -21.46 -11.76 -4.56
CA SER A 222 -21.94 -13.06 -5.04
C SER A 222 -20.74 -13.95 -5.31
N LEU A 223 -20.98 -15.24 -5.48
CA LEU A 223 -19.90 -16.05 -6.03
C LEU A 223 -19.84 -15.96 -7.55
N ALA A 224 -20.85 -15.33 -8.16
CA ALA A 224 -20.70 -14.67 -9.45
C ALA A 224 -20.06 -13.29 -9.32
N ARG A 225 -19.56 -12.96 -8.12
CA ARG A 225 -18.77 -11.78 -7.78
C ARG A 225 -19.53 -10.47 -7.90
N GLU A 226 -20.82 -10.50 -8.19
CA GLU A 226 -21.59 -9.26 -8.17
C GLU A 226 -21.68 -8.75 -6.73
N SER A 227 -21.75 -7.43 -6.59
CA SER A 227 -21.89 -6.85 -5.26
C SER A 227 -23.11 -7.42 -4.53
N SER A 228 -22.90 -7.85 -3.29
CA SER A 228 -24.00 -8.31 -2.48
C SER A 228 -25.01 -7.18 -2.26
N GLU A 229 -26.30 -7.53 -2.22
CA GLU A 229 -27.30 -6.47 -2.07
C GLU A 229 -27.19 -5.81 -0.71
N PHE A 230 -26.73 -6.54 0.30
CA PHE A 230 -26.58 -6.04 1.66
C PHE A 230 -25.20 -5.46 1.92
N SER A 231 -24.36 -5.39 0.90
CA SER A 231 -23.01 -4.89 1.09
C SER A 231 -23.06 -3.38 1.25
N ASN A 232 -22.65 -2.89 2.42
CA ASN A 232 -22.54 -1.46 2.67
C ASN A 232 -21.75 -0.77 1.58
N ALA A 233 -22.27 0.35 1.11
CA ALA A 233 -21.53 1.23 0.21
C ALA A 233 -21.11 2.48 0.96
N ASN A 234 -19.88 2.90 0.72
CA ASN A 234 -19.30 4.15 1.22
C ASN A 234 -17.95 4.31 0.49
N LYS A 235 -17.15 5.26 0.92
CA LYS A 235 -15.89 5.55 0.25
C LYS A 235 -14.72 4.93 0.96
N GLU A 236 -14.98 3.99 1.86
CA GLU A 236 -13.94 3.37 2.68
C GLU A 236 -13.89 1.86 2.50
N ILE A 237 -14.57 1.33 1.49
CA ILE A 237 -14.40 -0.06 1.09
C ILE A 237 -13.02 -0.23 0.48
N ASP A 238 -12.28 -1.24 0.94
CA ASP A 238 -10.97 -1.53 0.37
C ASP A 238 -11.04 -2.59 -0.72
N LEU A 239 -11.73 -3.70 -0.44
CA LEU A 239 -11.88 -4.80 -1.39
C LEU A 239 -13.07 -5.63 -0.96
N VAL A 240 -13.40 -6.63 -1.77
CA VAL A 240 -14.53 -7.52 -1.46
C VAL A 240 -14.09 -8.96 -1.61
N ALA A 241 -14.78 -9.83 -0.89
CA ALA A 241 -14.52 -11.26 -0.85
C ALA A 241 -15.85 -12.01 -0.96
N PRO A 242 -15.84 -13.33 -1.14
CA PRO A 242 -17.10 -14.08 -1.05
C PRO A 242 -17.73 -13.95 0.33
N GLY A 243 -19.03 -13.64 0.33
CA GLY A 243 -19.77 -13.54 1.57
C GLY A 243 -21.16 -14.17 1.48
N GLU A 244 -21.47 -14.86 0.38
CA GLU A 244 -22.76 -15.50 0.19
C GLU A 244 -22.61 -17.02 0.39
N ASP A 245 -23.35 -17.54 1.38
CA ASP A 245 -23.50 -18.96 1.62
C ASP A 245 -22.14 -19.67 1.68
N ILE A 246 -21.49 -19.46 2.81
CA ILE A 246 -20.09 -19.84 3.00
C ILE A 246 -20.03 -21.01 3.97
N LEU A 247 -19.34 -22.05 3.58
CA LEU A 247 -19.19 -23.23 4.41
C LEU A 247 -17.98 -23.06 5.34
N SER A 248 -18.19 -23.18 6.66
CA SER A 248 -17.06 -23.27 7.57
C SER A 248 -17.55 -23.99 8.84
N THR A 249 -16.66 -24.10 9.83
CA THR A 249 -16.92 -24.90 11.02
C THR A 249 -17.91 -24.24 11.99
N LEU A 250 -18.74 -25.07 12.64
CA LEU A 250 -19.70 -24.71 13.67
C LEU A 250 -19.39 -25.50 14.94
N PRO A 251 -19.74 -24.99 16.12
CA PRO A 251 -19.34 -25.67 17.36
C PRO A 251 -19.92 -27.08 17.44
N ASN A 252 -19.29 -27.91 18.27
CA ASN A 252 -19.66 -29.31 18.44
C ASN A 252 -19.39 -30.10 17.16
N HIS A 253 -18.11 -30.21 16.80
CA HIS A 253 -17.64 -30.99 15.64
C HIS A 253 -18.57 -30.93 14.43
N LYS A 254 -19.22 -29.80 14.18
CA LYS A 254 -20.22 -29.63 13.13
C LYS A 254 -19.74 -28.58 12.11
N TYR A 255 -20.51 -28.42 11.03
CA TYR A 255 -20.24 -27.43 9.97
C TYR A 255 -21.57 -26.79 9.60
N GLY A 256 -21.57 -26.01 8.54
CA GLY A 256 -22.74 -25.24 8.12
C GLY A 256 -22.35 -24.02 7.33
N ARG A 257 -23.33 -23.47 6.62
CA ARG A 257 -23.13 -22.25 5.84
C ARG A 257 -23.67 -21.05 6.61
N LEU A 258 -23.23 -19.85 6.21
CA LEU A 258 -23.71 -18.59 6.80
C LEU A 258 -23.70 -17.50 5.73
N THR A 259 -23.99 -16.26 6.12
CA THR A 259 -24.02 -15.16 5.17
C THR A 259 -23.78 -13.83 5.86
N GLY A 260 -23.04 -12.94 5.18
CA GLY A 260 -22.82 -11.57 5.59
C GLY A 260 -21.43 -11.13 5.21
N THR A 261 -21.17 -9.82 5.24
CA THR A 261 -19.78 -9.39 5.18
C THR A 261 -18.95 -10.03 6.31
N SER A 262 -19.62 -10.52 7.36
CA SER A 262 -18.94 -11.34 8.37
C SER A 262 -18.29 -12.58 7.77
N MET A 263 -18.74 -13.01 6.59
CA MET A 263 -18.07 -14.11 5.92
C MET A 263 -17.00 -13.62 4.96
N ALA A 264 -17.17 -12.41 4.40
CA ALA A 264 -16.15 -11.88 3.50
C ALA A 264 -14.86 -11.66 4.25
N ALA A 265 -14.93 -10.92 5.35
CA ALA A 265 -13.72 -10.54 6.09
C ALA A 265 -12.77 -11.69 6.34
N PRO A 266 -13.20 -12.85 6.86
CA PRO A 266 -12.22 -13.92 7.12
C PRO A 266 -11.51 -14.40 5.87
N HIS A 267 -12.10 -14.26 4.70
CA HIS A 267 -11.36 -14.58 3.50
C HIS A 267 -10.15 -13.67 3.36
N VAL A 268 -10.32 -12.38 3.64
CA VAL A 268 -9.20 -11.45 3.53
C VAL A 268 -8.21 -11.69 4.68
N SER A 269 -8.72 -11.80 5.90
CA SER A 269 -7.88 -12.06 7.07
C SER A 269 -6.92 -13.24 6.82
N GLY A 270 -7.48 -14.40 6.49
CA GLY A 270 -6.64 -15.54 6.19
C GLY A 270 -5.67 -15.25 5.07
N ALA A 271 -6.17 -14.64 3.99
CA ALA A 271 -5.38 -14.39 2.81
C ALA A 271 -4.19 -13.49 3.10
N LEU A 272 -4.39 -12.52 4.00
CA LEU A 272 -3.28 -11.67 4.41
C LEU A 272 -2.11 -12.51 4.93
N ALA A 273 -2.42 -13.57 5.69
CA ALA A 273 -1.38 -14.38 6.30
C ALA A 273 -0.54 -15.09 5.25
N ILE A 274 -1.16 -15.53 4.16
CA ILE A 274 -0.36 -16.22 3.14
C ILE A 274 0.30 -15.22 2.20
N ILE A 275 -0.35 -14.08 1.93
CA ILE A 275 0.35 -12.98 1.26
C ILE A 275 1.62 -12.62 2.03
N LYS A 276 1.49 -12.40 3.34
CA LYS A 276 2.67 -12.14 4.17
C LYS A 276 3.73 -13.22 3.97
N ASN A 277 3.30 -14.49 3.87
CA ASN A 277 4.24 -15.58 3.63
C ASN A 277 4.93 -15.43 2.29
N ALA A 278 4.15 -15.20 1.23
CA ALA A 278 4.70 -15.06 -0.11
C ALA A 278 5.64 -13.87 -0.24
N GLU A 279 5.38 -12.80 0.50
CA GLU A 279 6.14 -11.59 0.27
C GLU A 279 7.36 -11.49 1.16
N GLU A 280 7.30 -12.04 2.37
CA GLU A 280 8.51 -12.08 3.19
C GLU A 280 9.57 -12.96 2.56
N GLU A 281 9.15 -13.98 1.80
CA GLU A 281 10.10 -14.80 1.07
C GLU A 281 10.69 -14.06 -0.12
N ALA A 282 9.83 -13.41 -0.91
CA ALA A 282 10.30 -12.73 -2.11
C ALA A 282 11.18 -11.55 -1.77
N PHE A 283 10.88 -10.85 -0.68
CA PHE A 283 11.64 -9.67 -0.28
C PHE A 283 12.73 -9.99 0.74
N GLN A 284 12.69 -11.18 1.35
CA GLN A 284 13.73 -11.67 2.24
C GLN A 284 13.84 -10.85 3.51
N ARG A 285 12.73 -10.24 3.93
CA ARG A 285 12.63 -9.52 5.20
C ARG A 285 11.17 -9.50 5.61
N LYS A 286 10.91 -9.04 6.83
CA LYS A 286 9.54 -8.82 7.28
C LYS A 286 8.93 -7.57 6.64
N LEU A 287 7.66 -7.65 6.26
CA LEU A 287 7.00 -6.55 5.57
C LEU A 287 6.11 -5.76 6.53
N THR A 288 6.18 -4.43 6.41
CA THR A 288 5.43 -3.53 7.27
C THR A 288 3.94 -3.56 6.90
N GLU A 289 3.14 -3.01 7.82
CA GLU A 289 1.69 -2.91 7.69
C GLU A 289 1.28 -2.27 6.37
N PRO A 290 1.74 -1.06 6.03
CA PRO A 290 1.31 -0.49 4.73
C PRO A 290 1.79 -1.30 3.55
N GLU A 291 2.97 -1.91 3.65
CA GLU A 291 3.48 -2.70 2.55
C GLU A 291 2.55 -3.88 2.28
N ILE A 292 2.18 -4.58 3.33
CA ILE A 292 1.30 -5.73 3.16
C ILE A 292 -0.04 -5.29 2.60
N TYR A 293 -0.49 -4.07 2.93
CA TYR A 293 -1.74 -3.55 2.38
C TYR A 293 -1.62 -3.35 0.86
N ALA A 294 -0.56 -2.65 0.43
CA ALA A 294 -0.20 -2.59 -0.98
C ALA A 294 -0.22 -3.98 -1.62
N GLN A 295 0.48 -4.92 -0.99
CA GLN A 295 0.50 -6.29 -1.49
C GLN A 295 -0.90 -6.88 -1.51
N LEU A 296 -1.76 -6.48 -0.56
CA LEU A 296 -3.12 -7.02 -0.55
C LEU A 296 -3.91 -6.47 -1.74
N VAL A 297 -3.88 -5.16 -1.96
CA VAL A 297 -4.64 -4.62 -3.09
C VAL A 297 -3.96 -4.89 -4.41
N ARG A 298 -2.70 -5.33 -4.38
CA ARG A 298 -2.06 -5.86 -5.57
C ARG A 298 -2.60 -7.23 -5.93
N ARG A 299 -3.15 -7.95 -4.97
CA ARG A 299 -3.77 -9.25 -5.23
C ARG A 299 -5.29 -9.13 -5.30
N THR A 300 -5.73 -8.36 -6.29
CA THR A 300 -7.13 -7.97 -6.41
C THR A 300 -7.47 -7.74 -7.88
N LEU A 301 -8.48 -8.52 -8.43
CA LEU A 301 -8.75 -7.93 -9.73
C LEU A 301 -9.91 -6.95 -9.64
N PRO A 302 -9.91 -5.87 -10.43
CA PRO A 302 -10.98 -4.89 -10.33
C PRO A 302 -12.27 -5.43 -10.94
N LEU A 303 -13.38 -4.85 -10.50
CA LEU A 303 -14.67 -5.10 -11.09
C LEU A 303 -15.19 -3.83 -11.76
N LYS A 304 -16.26 -3.96 -12.54
CA LYS A 304 -16.77 -2.78 -13.21
C LYS A 304 -17.73 -1.98 -12.33
N GLN A 305 -18.35 -2.61 -11.33
CA GLN A 305 -19.19 -1.87 -10.41
C GLN A 305 -18.40 -0.77 -9.69
N SER A 306 -19.12 0.10 -9.00
CA SER A 306 -18.53 1.30 -8.43
C SER A 306 -17.61 0.96 -7.26
N LYS A 307 -16.57 1.77 -7.12
CA LYS A 307 -15.62 1.54 -6.05
C LYS A 307 -16.28 1.66 -4.69
N ALA A 308 -17.41 2.35 -4.61
CA ALA A 308 -18.10 2.49 -3.33
C ALA A 308 -18.72 1.18 -2.86
N LEU A 309 -19.03 0.27 -3.80
CA LEU A 309 -19.53 -1.05 -3.44
C LEU A 309 -18.43 -2.10 -3.39
N VAL A 310 -17.48 -2.09 -4.29
CA VAL A 310 -16.53 -3.20 -4.41
C VAL A 310 -15.11 -2.83 -3.98
N GLY A 311 -14.85 -1.58 -3.62
CA GLY A 311 -13.48 -1.21 -3.31
C GLY A 311 -12.57 -1.46 -4.50
N ASN A 312 -11.36 -1.95 -4.21
CA ASN A 312 -10.39 -2.17 -5.27
C ASN A 312 -10.81 -3.31 -6.18
N GLY A 313 -11.61 -4.24 -5.69
CA GLY A 313 -12.11 -5.31 -6.52
C GLY A 313 -12.18 -6.59 -5.72
N PHE A 314 -12.14 -7.70 -6.45
CA PHE A 314 -12.26 -9.03 -5.86
C PHE A 314 -10.92 -9.58 -5.39
N LEU A 315 -10.87 -10.07 -4.13
CA LEU A 315 -9.70 -10.75 -3.60
C LEU A 315 -9.32 -11.96 -4.45
N TYR A 316 -8.19 -11.87 -5.17
CA TYR A 316 -7.77 -12.89 -6.14
C TYR A 316 -6.25 -12.99 -5.99
N LEU A 317 -5.77 -14.04 -5.32
CA LEU A 317 -4.36 -14.06 -4.89
C LEU A 317 -3.36 -14.38 -6.00
N THR A 318 -3.80 -14.72 -7.23
CA THR A 318 -2.88 -14.97 -8.34
C THR A 318 -2.90 -13.85 -9.37
N ALA A 319 -3.41 -12.68 -8.99
CA ALA A 319 -3.50 -11.57 -9.93
C ALA A 319 -2.16 -11.16 -10.56
N PRO A 320 -1.04 -11.10 -9.84
CA PRO A 320 0.19 -10.66 -10.53
C PRO A 320 0.65 -11.66 -11.57
N ASP A 321 0.55 -12.96 -11.28
CA ASP A 321 0.90 -13.95 -12.27
C ASP A 321 0.10 -13.72 -13.55
N VAL A 322 -1.22 -13.63 -13.43
CA VAL A 322 -2.12 -13.24 -14.51
C VAL A 322 -1.56 -12.06 -15.31
N LEU A 323 -0.80 -11.18 -14.65
CA LEU A 323 -0.16 -10.08 -15.36
C LEU A 323 1.04 -10.56 -16.17
N LEU A 324 1.76 -11.55 -15.66
CA LEU A 324 2.89 -12.10 -16.43
C LEU A 324 2.39 -12.89 -17.65
N GLU A 325 1.28 -13.61 -17.49
CA GLU A 325 0.67 -14.45 -18.53
C GLU A 325 1.61 -15.57 -18.99
N LYS B 36 3.50 16.09 -28.67
CA LYS B 36 4.88 16.14 -29.19
C LYS B 36 5.59 14.81 -28.97
N GLU B 37 6.79 14.68 -29.53
CA GLU B 37 7.57 13.45 -29.43
C GLU B 37 7.97 13.19 -27.97
N THR B 38 6.99 12.85 -27.10
CA THR B 38 7.28 12.56 -25.71
C THR B 38 8.35 11.48 -25.60
N PRO B 39 9.24 11.56 -24.61
CA PRO B 39 10.40 10.65 -24.58
C PRO B 39 9.99 9.19 -24.66
N GLU B 40 10.91 8.38 -25.19
CA GLU B 40 10.76 6.93 -25.21
C GLU B 40 10.26 6.38 -23.88
N SER B 41 10.95 6.74 -22.79
CA SER B 41 10.71 6.12 -21.49
C SER B 41 9.31 6.43 -20.98
N ILE B 42 8.80 7.64 -21.25
CA ILE B 42 7.50 8.03 -20.71
C ILE B 42 6.37 7.27 -21.40
N GLN B 43 6.44 7.09 -22.72
CA GLN B 43 5.50 6.19 -23.38
C GLN B 43 5.59 4.80 -22.80
N GLU B 44 6.81 4.32 -22.57
CA GLU B 44 7.01 2.95 -22.10
C GLU B 44 6.37 2.73 -20.74
N ILE B 45 6.32 3.76 -19.88
CA ILE B 45 5.65 3.58 -18.59
C ILE B 45 4.14 3.76 -18.69
N LYS B 46 3.62 3.98 -19.90
CA LYS B 46 2.20 4.00 -20.22
C LYS B 46 1.50 5.29 -19.77
N ALA B 47 2.27 6.36 -19.55
CA ALA B 47 1.67 7.61 -19.10
C ALA B 47 0.60 8.13 -20.07
N PRO B 48 0.88 8.30 -21.37
CA PRO B 48 -0.18 8.82 -22.26
C PRO B 48 -1.53 8.13 -22.12
N GLU B 49 -1.55 6.81 -21.94
CA GLU B 49 -2.80 6.07 -21.76
C GLU B 49 -3.59 6.52 -20.54
N LEU B 50 -2.98 7.31 -19.67
CA LEU B 50 -3.68 7.97 -18.56
C LEU B 50 -3.92 9.44 -18.83
N TRP B 51 -3.07 10.08 -19.63
CA TRP B 51 -3.42 11.39 -20.18
C TRP B 51 -4.77 11.32 -20.89
N SER B 52 -5.03 10.20 -21.59
CA SER B 52 -6.33 9.96 -22.24
C SER B 52 -7.49 10.20 -21.29
N SER B 53 -7.35 9.80 -20.04
CA SER B 53 -8.46 9.84 -19.11
C SER B 53 -8.58 11.17 -18.41
N GLY B 54 -7.65 12.10 -18.68
CA GLY B 54 -7.66 13.40 -18.05
C GLY B 54 -6.69 13.54 -16.90
N PHE B 55 -6.00 12.47 -16.53
CA PHE B 55 -5.07 12.47 -15.41
C PHE B 55 -3.73 12.96 -15.92
N LYS B 56 -3.45 14.26 -15.71
CA LYS B 56 -2.20 14.84 -16.16
C LYS B 56 -1.45 15.56 -15.04
N GLY B 57 -2.01 15.59 -13.83
CA GLY B 57 -1.32 16.16 -12.69
C GLY B 57 -2.03 17.32 -12.03
N LYS B 58 -3.16 17.76 -12.60
CA LYS B 58 -3.84 18.96 -12.15
C LYS B 58 -4.01 18.95 -10.63
N GLY B 59 -3.38 19.92 -9.97
CA GLY B 59 -3.48 20.05 -8.54
C GLY B 59 -2.41 19.34 -7.74
N ILE B 60 -1.54 18.60 -8.39
CA ILE B 60 -0.45 17.97 -7.69
C ILE B 60 0.76 18.91 -7.67
N THR B 61 1.41 19.02 -6.53
CA THR B 61 2.59 19.85 -6.35
C THR B 61 3.76 18.97 -5.88
N ILE B 62 4.87 19.04 -6.61
CA ILE B 62 6.03 18.17 -6.41
C ILE B 62 7.24 19.04 -6.10
N ALA B 63 7.95 18.70 -5.04
CA ALA B 63 9.15 19.45 -4.64
C ALA B 63 10.38 18.72 -5.16
N VAL B 64 11.12 19.36 -6.06
CA VAL B 64 12.27 18.74 -6.72
C VAL B 64 13.50 19.15 -5.94
N LEU B 65 13.93 18.30 -5.02
CA LEU B 65 15.18 18.53 -4.31
C LEU B 65 16.31 18.06 -5.21
N ASP B 66 17.24 18.95 -5.53
CA ASP B 66 18.25 18.62 -6.53
C ASP B 66 19.32 19.71 -6.62
N THR B 67 20.04 19.74 -7.74
CA THR B 67 21.00 20.78 -8.10
C THR B 67 20.35 22.13 -8.33
N GLY B 68 19.02 22.21 -8.28
CA GLY B 68 18.33 23.42 -8.64
C GLY B 68 17.75 23.29 -10.03
N CYS B 69 17.35 24.43 -10.60
CA CYS B 69 16.77 24.35 -11.92
C CYS B 69 16.90 25.70 -12.62
N ASP B 70 17.06 25.67 -13.94
CA ASP B 70 16.93 26.87 -14.77
C ASP B 70 15.45 27.13 -14.92
N THR B 71 14.91 28.05 -14.13
CA THR B 71 13.47 28.24 -14.08
C THR B 71 12.89 28.93 -15.32
N GLU B 72 13.72 29.26 -16.32
CA GLU B 72 13.28 29.95 -17.52
C GLU B 72 13.36 29.07 -18.77
N HIS B 73 13.65 27.80 -18.60
CA HIS B 73 13.60 26.92 -19.75
C HIS B 73 12.18 26.90 -20.32
N PRO B 74 11.99 27.22 -21.59
CA PRO B 74 10.65 27.20 -22.20
C PRO B 74 9.74 26.05 -21.76
N ASP B 75 10.26 24.85 -21.63
CA ASP B 75 9.41 23.73 -21.26
C ASP B 75 9.11 23.66 -19.76
N LEU B 76 9.61 24.61 -18.95
CA LEU B 76 9.46 24.56 -17.50
C LEU B 76 9.09 25.87 -16.82
N LYS B 77 9.19 27.03 -17.47
CA LYS B 77 9.02 28.29 -16.75
C LYS B 77 7.62 28.41 -16.15
N ASP B 78 6.59 27.99 -16.89
CA ASP B 78 5.23 28.04 -16.37
C ASP B 78 5.05 27.09 -15.18
N GLN B 79 5.64 25.90 -15.26
CA GLN B 79 5.28 24.79 -14.40
C GLN B 79 5.71 24.98 -12.95
N ILE B 80 6.57 25.97 -12.67
CA ILE B 80 7.16 26.20 -11.34
C ILE B 80 6.37 27.27 -10.56
N ILE B 81 6.25 27.06 -9.25
CA ILE B 81 5.52 27.94 -8.35
C ILE B 81 6.41 28.57 -7.30
N GLY B 82 7.71 28.39 -7.41
CA GLY B 82 8.60 28.95 -6.41
C GLY B 82 9.89 28.16 -6.33
N GLY B 83 10.83 28.70 -5.59
CA GLY B 83 12.10 28.03 -5.44
C GLY B 83 12.86 28.52 -4.23
N LYS B 84 13.47 27.62 -3.48
CA LYS B 84 14.33 28.01 -2.38
C LYS B 84 15.63 27.22 -2.45
N ASN B 85 16.73 27.92 -2.19
CA ASN B 85 18.06 27.33 -2.24
C ASN B 85 18.65 27.29 -0.84
N PHE B 86 19.13 26.10 -0.45
CA PHE B 86 19.81 25.93 0.82
C PHE B 86 21.30 25.67 0.65
N THR B 87 21.83 25.71 -0.58
CA THR B 87 23.25 25.53 -0.83
C THR B 87 24.11 26.67 -0.30
N ASP B 88 25.30 26.84 -0.89
CA ASP B 88 26.13 28.02 -0.70
C ASP B 88 26.24 28.88 -1.95
N ASP B 89 25.98 28.32 -3.14
CA ASP B 89 26.05 29.10 -4.38
C ASP B 89 25.26 30.40 -4.22
N ASP B 90 25.69 31.43 -4.95
CA ASP B 90 25.13 32.78 -4.85
C ASP B 90 25.16 33.33 -3.44
N ASP B 91 25.90 32.68 -2.53
CA ASP B 91 25.98 33.07 -1.12
C ASP B 91 24.60 33.01 -0.45
N GLY B 92 24.04 31.79 -0.43
CA GLY B 92 22.86 31.51 0.38
C GLY B 92 21.66 32.38 0.06
N ASP B 93 21.79 33.14 -1.01
CA ASP B 93 20.68 33.82 -1.68
C ASP B 93 19.59 32.79 -1.96
N ALA B 94 18.68 32.62 -1.01
CA ALA B 94 17.70 31.53 -1.05
C ALA B 94 16.75 31.61 -2.25
N GLU B 95 16.58 32.78 -2.86
CA GLU B 95 15.67 32.88 -3.98
C GLU B 95 16.30 32.45 -5.30
N ASN B 96 17.57 32.05 -5.30
CA ASN B 96 18.33 31.75 -6.52
C ASN B 96 18.59 30.25 -6.60
N VAL B 97 17.83 29.55 -7.44
CA VAL B 97 17.90 28.09 -7.49
C VAL B 97 18.52 27.64 -8.80
N LYS B 98 19.37 28.47 -9.40
CA LYS B 98 19.77 28.19 -10.78
C LYS B 98 20.73 27.00 -10.85
N ASP B 99 20.63 26.25 -11.95
CA ASP B 99 21.18 24.90 -12.06
C ASP B 99 22.55 24.92 -12.77
N TYR B 100 23.61 24.83 -11.98
CA TYR B 100 24.97 24.85 -12.51
C TYR B 100 25.52 23.46 -12.80
N ASN B 101 24.70 22.42 -12.64
CA ASN B 101 25.08 21.06 -12.97
C ASN B 101 24.28 20.49 -14.13
N GLY B 102 22.99 20.79 -14.22
CA GLY B 102 22.16 20.32 -15.31
C GLY B 102 21.19 19.23 -14.92
N HIS B 103 21.35 18.62 -13.75
CA HIS B 103 20.56 17.44 -13.42
C HIS B 103 19.18 17.82 -12.91
N GLY B 104 19.12 18.77 -11.98
CA GLY B 104 17.83 19.25 -11.52
C GLY B 104 16.90 19.64 -12.65
N THR B 105 17.42 20.41 -13.60
CA THR B 105 16.60 20.76 -14.75
C THR B 105 16.21 19.52 -15.55
N HIS B 106 17.15 18.59 -15.74
CA HIS B 106 16.81 17.35 -16.43
C HIS B 106 15.78 16.56 -15.64
N VAL B 107 15.93 16.53 -14.32
CA VAL B 107 14.95 15.83 -13.48
C VAL B 107 13.61 16.54 -13.52
N ALA B 108 13.60 17.85 -13.18
CA ALA B 108 12.37 18.61 -13.22
C ALA B 108 11.66 18.46 -14.57
N GLY B 109 12.45 18.41 -15.65
CA GLY B 109 11.86 18.17 -16.96
C GLY B 109 11.20 16.81 -17.07
N THR B 110 11.82 15.78 -16.47
CA THR B 110 11.23 14.45 -16.57
C THR B 110 9.92 14.36 -15.80
N ILE B 111 9.79 15.12 -14.71
CA ILE B 111 8.53 15.11 -13.96
C ILE B 111 7.44 15.85 -14.72
N ALA B 112 7.62 17.14 -15.00
CA ALA B 112 6.52 17.93 -15.55
C ALA B 112 6.96 19.01 -16.54
N ALA B 113 7.60 18.63 -17.65
CA ALA B 113 7.85 19.60 -18.71
C ALA B 113 6.59 19.83 -19.56
N THR B 114 6.48 21.03 -20.13
CA THR B 114 5.25 21.41 -20.84
C THR B 114 5.38 21.24 -22.36
N ASP B 115 4.26 20.89 -22.99
CA ASP B 115 4.22 20.57 -24.41
C ASP B 115 4.41 21.80 -25.27
N GLN B 116 3.85 22.94 -24.87
CA GLN B 116 3.91 24.14 -25.70
C GLN B 116 5.14 24.97 -25.33
N ASN B 117 5.33 26.05 -26.10
CA ASN B 117 6.64 26.67 -26.31
C ASN B 117 7.60 25.71 -27.03
N GLY B 118 7.05 24.75 -27.77
CA GLY B 118 7.80 23.62 -28.28
C GLY B 118 8.31 22.78 -27.13
N GLY B 119 9.14 21.80 -27.50
CA GLY B 119 9.76 21.01 -26.46
C GLY B 119 9.01 19.78 -26.03
N ILE B 120 9.27 19.34 -24.80
CA ILE B 120 9.01 17.95 -24.43
C ILE B 120 7.96 17.86 -23.34
N LEU B 121 7.39 16.66 -23.20
CA LEU B 121 6.35 16.38 -22.22
C LEU B 121 6.94 15.62 -21.03
N GLY B 122 6.72 16.14 -19.83
CA GLY B 122 6.99 15.40 -18.62
C GLY B 122 5.96 14.29 -18.43
N VAL B 123 6.15 13.54 -17.35
CA VAL B 123 5.19 12.50 -17.01
C VAL B 123 3.85 13.14 -16.63
N ALA B 124 3.90 14.25 -15.90
CA ALA B 124 2.71 14.90 -15.35
C ALA B 124 2.75 16.36 -15.78
N PRO B 125 2.40 16.66 -17.03
CA PRO B 125 2.56 18.03 -17.52
C PRO B 125 1.55 19.00 -16.94
N GLU B 126 0.50 18.54 -16.25
CA GLU B 126 -0.49 19.43 -15.70
C GLU B 126 -0.25 19.72 -14.23
N ALA B 127 0.86 19.25 -13.70
CA ALA B 127 1.18 19.43 -12.29
C ALA B 127 2.17 20.57 -12.11
N LYS B 128 2.42 20.93 -10.86
CA LYS B 128 3.27 22.06 -10.53
C LYS B 128 4.48 21.58 -9.73
N LEU B 129 5.59 22.29 -9.91
CA LEU B 129 6.88 21.92 -9.36
C LEU B 129 7.39 23.01 -8.42
N LEU B 130 8.07 22.58 -7.36
CA LEU B 130 8.80 23.46 -6.46
C LEU B 130 10.28 23.09 -6.49
N ILE B 131 11.13 24.08 -6.73
CA ILE B 131 12.54 23.87 -6.94
C ILE B 131 13.25 24.10 -5.60
N VAL B 132 13.54 23.02 -4.89
CA VAL B 132 14.34 23.09 -3.69
C VAL B 132 15.74 22.69 -4.10
N LYS B 133 16.72 23.57 -3.83
CA LYS B 133 18.10 23.36 -4.27
C LYS B 133 18.95 23.03 -3.04
N VAL B 134 19.23 21.75 -2.85
CA VAL B 134 20.04 21.28 -1.73
C VAL B 134 21.36 20.69 -2.20
N LEU B 135 21.64 20.72 -3.50
CA LEU B 135 22.89 20.22 -4.06
C LEU B 135 23.57 21.36 -4.80
N GLY B 136 24.82 21.67 -4.41
CA GLY B 136 25.54 22.81 -4.91
C GLY B 136 26.63 22.44 -5.91
N GLY B 137 27.11 23.47 -6.61
CA GLY B 137 28.20 23.33 -7.57
C GLY B 137 27.84 22.45 -8.76
N GLU B 138 28.86 22.16 -9.57
CA GLU B 138 28.66 21.27 -10.70
C GLU B 138 28.76 19.80 -10.32
N ASN B 139 29.53 19.46 -9.28
CA ASN B 139 29.59 18.06 -8.89
C ASN B 139 28.31 17.59 -8.22
N GLY B 140 27.35 18.49 -8.03
CA GLY B 140 26.05 18.14 -7.49
C GLY B 140 26.09 17.63 -6.08
N SER B 141 26.85 18.29 -5.21
CA SER B 141 26.97 17.86 -3.81
C SER B 141 26.28 18.86 -2.90
N GLY B 142 25.88 18.35 -1.75
CA GLY B 142 25.31 19.17 -0.70
C GLY B 142 25.40 18.41 0.61
N LYS B 143 25.24 19.16 1.69
CA LYS B 143 25.32 18.57 3.03
C LYS B 143 23.95 18.08 3.50
N TYR B 144 23.97 17.10 4.40
CA TYR B 144 22.72 16.64 4.98
C TYR B 144 21.98 17.76 5.67
N GLU B 145 22.68 18.83 6.08
CA GLU B 145 21.98 20.00 6.57
C GLU B 145 21.00 20.52 5.51
N TRP B 146 21.50 20.79 4.31
CA TRP B 146 20.69 21.41 3.28
C TRP B 146 19.59 20.48 2.77
N ILE B 147 19.85 19.17 2.72
CA ILE B 147 18.81 18.23 2.33
C ILE B 147 17.67 18.26 3.33
N ILE B 148 17.99 18.03 4.62
CA ILE B 148 16.99 18.07 5.68
C ILE B 148 16.22 19.38 5.64
N ASP B 149 16.95 20.49 5.49
CA ASP B 149 16.28 21.79 5.47
C ASP B 149 15.17 21.79 4.42
N GLY B 150 15.53 21.43 3.20
CA GLY B 150 14.58 21.49 2.10
C GLY B 150 13.44 20.51 2.24
N ILE B 151 13.74 19.27 2.65
CA ILE B 151 12.68 18.29 2.93
C ILE B 151 11.63 18.92 3.84
N ASN B 152 12.08 19.44 4.99
CA ASN B 152 11.18 20.10 5.92
C ASN B 152 10.54 21.33 5.29
N TYR B 153 11.27 22.02 4.42
CA TYR B 153 10.71 23.18 3.76
C TYR B 153 9.58 22.77 2.81
N ALA B 154 9.74 21.64 2.12
CA ALA B 154 8.67 21.15 1.26
C ALA B 154 7.49 20.66 2.09
N ALA B 155 7.77 19.91 3.17
CA ALA B 155 6.74 19.53 4.13
C ALA B 155 5.99 20.75 4.65
N GLU B 156 6.73 21.76 5.12
CA GLU B 156 6.11 23.01 5.57
C GLU B 156 5.19 23.57 4.50
N GLN B 157 5.62 23.54 3.25
CA GLN B 157 4.82 24.08 2.16
C GLN B 157 3.70 23.15 1.70
N LYS B 158 3.57 21.98 2.33
CA LYS B 158 2.40 21.13 2.16
C LYS B 158 2.23 20.68 0.72
N VAL B 159 3.30 20.11 0.15
CA VAL B 159 3.33 19.62 -1.23
C VAL B 159 2.92 18.15 -1.27
N ASP B 160 2.67 17.62 -2.45
CA ASP B 160 2.16 16.27 -2.50
C ASP B 160 3.26 15.22 -2.58
N ILE B 161 4.36 15.53 -3.27
CA ILE B 161 5.42 14.56 -3.53
C ILE B 161 6.77 15.22 -3.33
N ILE B 162 7.74 14.47 -2.79
CA ILE B 162 9.14 14.91 -2.75
C ILE B 162 9.95 13.97 -3.64
N SER B 163 10.50 14.51 -4.73
CA SER B 163 11.35 13.74 -5.63
C SER B 163 12.79 14.10 -5.31
N MET B 164 13.56 13.15 -4.80
CA MET B 164 14.99 13.30 -4.62
C MET B 164 15.72 12.34 -5.54
N SER B 165 16.80 12.82 -6.12
CA SER B 165 17.71 11.97 -6.88
C SER B 165 19.12 12.05 -6.32
N LEU B 166 19.21 12.30 -5.02
CA LEU B 166 20.48 12.36 -4.31
C LEU B 166 20.74 11.04 -3.58
N GLY B 167 21.87 10.99 -2.86
CA GLY B 167 22.26 9.77 -2.16
C GLY B 167 23.59 9.91 -1.45
N GLY B 168 23.68 9.38 -0.23
CA GLY B 168 24.91 9.43 0.53
C GLY B 168 25.11 8.19 1.37
N PRO B 169 26.37 7.83 1.63
CA PRO B 169 26.64 6.55 2.33
C PRO B 169 26.41 6.58 3.82
N SER B 170 26.38 7.75 4.46
CA SER B 170 26.15 7.83 5.89
C SER B 170 24.66 7.71 6.19
N ASN B 171 24.33 7.09 7.32
CA ASN B 171 22.94 6.99 7.77
C ASN B 171 22.74 7.93 8.97
N GLU B 172 22.34 9.17 8.68
CA GLU B 172 22.20 10.20 9.69
C GLU B 172 20.78 10.25 10.24
N PRO B 173 20.53 9.83 11.51
CA PRO B 173 19.17 9.80 12.05
C PRO B 173 18.32 11.01 11.73
N ALA B 174 18.93 12.20 11.74
CA ALA B 174 18.18 13.42 11.46
C ALA B 174 17.54 13.39 10.07
N LEU B 175 18.18 12.75 9.10
CA LEU B 175 17.56 12.60 7.79
C LEU B 175 16.35 11.66 7.84
N GLN B 176 16.51 10.48 8.44
CA GLN B 176 15.34 9.65 8.68
C GLN B 176 14.28 10.40 9.48
N GLU B 177 14.71 11.29 10.39
CA GLU B 177 13.76 12.13 11.10
C GLU B 177 12.93 12.95 10.10
N ALA B 178 13.61 13.78 9.28
CA ALA B 178 12.93 14.66 8.33
C ALA B 178 11.95 13.92 7.43
N ILE B 179 12.38 12.79 6.84
CA ILE B 179 11.48 12.01 5.99
C ILE B 179 10.32 11.46 6.79
N GLN B 180 10.62 10.92 7.98
CA GLN B 180 9.55 10.38 8.81
C GLN B 180 8.51 11.44 9.11
N ASN B 181 8.96 12.65 9.47
CA ASN B 181 8.00 13.73 9.74
C ASN B 181 7.19 14.08 8.50
N ALA B 182 7.86 14.08 7.34
CA ALA B 182 7.19 14.46 6.10
C ALA B 182 6.16 13.42 5.67
N VAL B 183 6.49 12.12 5.82
CA VAL B 183 5.51 11.08 5.53
C VAL B 183 4.39 11.10 6.57
N LYS B 184 4.74 11.34 7.83
CA LYS B 184 3.74 11.58 8.87
C LYS B 184 2.68 12.55 8.37
N SER B 185 3.10 13.74 7.95
CA SER B 185 2.15 14.74 7.45
C SER B 185 1.41 14.28 6.19
N GLY B 186 1.91 13.24 5.50
CA GLY B 186 1.22 12.71 4.35
C GLY B 186 1.80 13.11 3.01
N VAL B 187 3.13 13.26 2.94
CA VAL B 187 3.84 13.48 1.67
C VAL B 187 4.28 12.12 1.12
N LEU B 188 4.29 12.00 -0.20
CA LEU B 188 4.93 10.86 -0.85
C LEU B 188 6.42 11.19 -1.03
N VAL B 189 7.31 10.33 -0.49
CA VAL B 189 8.76 10.59 -0.53
C VAL B 189 9.44 9.59 -1.45
N VAL B 190 9.85 10.10 -2.62
CA VAL B 190 10.48 9.33 -3.70
C VAL B 190 11.98 9.60 -3.72
N CYS B 191 12.78 8.55 -3.88
CA CYS B 191 14.21 8.77 -3.97
C CYS B 191 14.90 7.71 -4.85
N ALA B 192 15.86 8.18 -5.65
CA ALA B 192 16.63 7.29 -6.50
C ALA B 192 17.46 6.33 -5.64
N ALA B 193 17.63 5.11 -6.13
CA ALA B 193 18.06 4.01 -5.28
C ALA B 193 19.56 4.00 -5.01
N GLY B 194 20.37 4.64 -5.84
CA GLY B 194 21.81 4.57 -5.71
C GLY B 194 22.53 3.89 -6.85
N ASN B 195 23.70 4.42 -7.23
CA ASN B 195 24.43 3.98 -8.40
C ASN B 195 25.66 3.13 -8.08
N GLU B 196 25.62 2.38 -6.98
CA GLU B 196 26.73 1.55 -6.55
C GLU B 196 26.52 0.07 -6.86
N GLY B 197 25.52 -0.26 -7.68
CA GLY B 197 25.26 -1.66 -7.98
C GLY B 197 26.39 -2.30 -8.77
N ASP B 198 26.51 -3.62 -8.64
CA ASP B 198 27.52 -4.38 -9.34
C ASP B 198 26.90 -5.60 -10.04
N GLY B 199 25.70 -5.43 -10.57
CA GLY B 199 25.01 -6.46 -11.33
C GLY B 199 24.60 -7.70 -10.56
N ASP B 200 25.05 -7.81 -9.30
CA ASP B 200 25.07 -9.06 -8.55
C ASP B 200 24.12 -8.99 -7.37
N GLU B 201 23.00 -9.74 -7.45
CA GLU B 201 21.91 -9.64 -6.47
C GLU B 201 22.28 -10.19 -5.10
N ARG B 202 23.29 -11.07 -5.02
CA ARG B 202 23.82 -11.56 -3.75
C ARG B 202 24.66 -10.54 -2.97
N THR B 203 24.85 -9.30 -3.45
CA THR B 203 25.66 -8.30 -2.78
C THR B 203 24.84 -7.02 -2.65
N GLU B 204 24.73 -6.50 -1.43
CA GLU B 204 23.91 -5.32 -1.18
C GLU B 204 24.76 -4.06 -1.16
N GLU B 205 24.21 -2.97 -1.71
CA GLU B 205 24.82 -1.65 -1.68
C GLU B 205 23.76 -0.70 -1.14
N PHE B 206 24.13 0.13 -0.17
CA PHE B 206 23.18 0.99 0.51
C PHE B 206 23.42 2.46 0.20
N SER B 207 22.37 3.13 -0.22
CA SER B 207 22.42 4.58 -0.36
C SER B 207 21.22 5.16 0.36
N TYR B 208 21.43 6.23 1.10
CA TYR B 208 20.34 6.91 1.78
C TYR B 208 20.05 8.23 1.06
N PRO B 209 18.83 8.77 1.20
CA PRO B 209 17.64 8.26 1.90
C PRO B 209 16.88 7.10 1.23
N ALA B 210 17.30 6.63 0.06
CA ALA B 210 16.60 5.52 -0.60
C ALA B 210 16.44 4.34 0.34
N ALA B 211 17.47 4.05 1.14
CA ALA B 211 17.53 2.84 1.95
C ALA B 211 16.54 2.84 3.11
N TYR B 212 16.06 4.01 3.54
CA TYR B 212 15.05 4.03 4.60
C TYR B 212 13.77 3.41 4.09
N ASN B 213 13.19 2.51 4.89
CA ASN B 213 11.95 1.86 4.48
C ASN B 213 10.90 2.87 4.05
N GLU B 214 10.78 3.99 4.77
CA GLU B 214 9.69 4.92 4.51
C GLU B 214 9.78 5.51 3.11
N VAL B 215 10.96 5.56 2.54
CA VAL B 215 11.18 6.23 1.27
C VAL B 215 10.86 5.26 0.15
N ILE B 216 10.06 5.72 -0.81
CA ILE B 216 9.82 4.98 -2.04
C ILE B 216 11.10 4.99 -2.87
N ALA B 217 11.89 3.92 -2.75
CA ALA B 217 13.17 3.80 -3.45
C ALA B 217 12.95 3.31 -4.89
N VAL B 218 13.55 4.02 -5.86
CA VAL B 218 13.36 3.69 -7.27
C VAL B 218 14.68 3.25 -7.89
N GLY B 219 14.73 2.00 -8.37
CA GLY B 219 15.87 1.52 -9.12
C GLY B 219 15.70 1.73 -10.60
N SER B 220 16.74 1.36 -11.37
CA SER B 220 16.81 1.66 -12.79
C SER B 220 16.88 0.41 -13.66
N VAL B 221 16.07 0.36 -14.72
CA VAL B 221 16.23 -0.64 -15.78
C VAL B 221 16.55 0.04 -17.11
N SER B 222 16.44 -0.72 -18.21
CA SER B 222 16.79 -0.28 -19.55
C SER B 222 15.54 -0.15 -20.40
N LEU B 223 15.75 0.10 -21.69
CA LEU B 223 14.69 -0.01 -22.70
C LEU B 223 13.84 -1.26 -22.44
N ALA B 224 14.51 -2.41 -22.35
CA ALA B 224 13.88 -3.71 -22.31
C ALA B 224 13.60 -4.20 -20.89
N ARG B 225 13.57 -3.27 -19.91
CA ARG B 225 13.26 -3.57 -18.52
C ARG B 225 14.28 -4.47 -17.84
N GLU B 226 15.55 -4.37 -18.22
CA GLU B 226 16.60 -5.17 -17.58
C GLU B 226 17.31 -4.33 -16.51
N SER B 227 17.51 -4.92 -15.33
CA SER B 227 18.15 -4.22 -14.23
C SER B 227 19.47 -3.56 -14.64
N SER B 228 19.59 -2.27 -14.39
CA SER B 228 20.81 -1.54 -14.72
C SER B 228 21.90 -1.90 -13.73
N GLU B 229 23.12 -2.16 -14.24
CA GLU B 229 24.13 -2.76 -13.38
C GLU B 229 24.43 -1.87 -12.18
N PHE B 230 24.39 -0.55 -12.36
CA PHE B 230 24.71 0.36 -11.28
C PHE B 230 23.61 0.47 -10.21
N SER B 231 22.42 -0.08 -10.46
CA SER B 231 21.32 0.09 -9.51
C SER B 231 21.61 -0.69 -8.22
N ASN B 232 21.68 0.02 -7.09
CA ASN B 232 21.92 -0.62 -5.80
C ASN B 232 20.92 -1.75 -5.58
N ALA B 233 21.40 -2.81 -4.94
CA ALA B 233 20.60 -3.97 -4.61
C ALA B 233 20.45 -4.02 -3.09
N ASN B 234 19.22 -4.01 -2.60
CA ASN B 234 18.99 -4.27 -1.19
C ASN B 234 17.54 -4.65 -0.96
N LYS B 235 17.20 -4.88 0.31
CA LYS B 235 15.86 -5.30 0.65
C LYS B 235 14.89 -4.12 0.80
N GLU B 236 15.21 -2.97 0.22
CA GLU B 236 14.36 -1.79 0.33
C GLU B 236 14.18 -1.09 -1.01
N ILE B 237 14.20 -1.85 -2.09
CA ILE B 237 13.81 -1.33 -3.39
C ILE B 237 12.31 -1.56 -3.57
N ASP B 238 11.59 -0.50 -3.92
CA ASP B 238 10.17 -0.67 -4.11
C ASP B 238 9.79 -0.96 -5.56
N LEU B 239 10.38 -0.27 -6.53
CA LEU B 239 10.11 -0.54 -7.94
C LEU B 239 11.21 0.08 -8.79
N VAL B 240 11.09 -0.10 -10.10
CA VAL B 240 12.10 0.44 -11.00
C VAL B 240 11.40 1.14 -12.15
N ALA B 241 12.16 2.00 -12.81
CA ALA B 241 11.68 2.79 -13.94
C ALA B 241 12.85 2.96 -14.91
N PRO B 242 12.57 3.36 -16.15
CA PRO B 242 13.65 3.65 -17.11
C PRO B 242 14.68 4.64 -16.55
N GLY B 243 15.95 4.22 -16.60
CA GLY B 243 17.04 5.02 -16.05
C GLY B 243 18.25 5.17 -16.96
N GLU B 244 18.14 4.78 -18.24
CA GLU B 244 19.26 4.81 -19.17
C GLU B 244 18.89 5.62 -20.42
N ASP B 245 19.72 6.61 -20.74
CA ASP B 245 19.58 7.41 -21.97
C ASP B 245 18.22 8.09 -22.02
N ILE B 246 17.90 8.81 -20.96
CA ILE B 246 16.64 9.52 -20.88
C ILE B 246 16.90 10.95 -21.35
N LEU B 247 16.21 11.34 -22.40
CA LEU B 247 16.32 12.68 -22.96
C LEU B 247 15.28 13.57 -22.30
N SER B 248 15.74 14.64 -21.65
CA SER B 248 14.86 15.69 -21.14
C SER B 248 15.67 16.96 -20.95
N THR B 249 14.99 17.99 -20.48
CA THR B 249 15.44 19.36 -20.63
C THR B 249 16.73 19.63 -19.86
N LEU B 250 17.68 20.32 -20.50
CA LEU B 250 18.95 20.82 -19.99
C LEU B 250 18.96 22.34 -20.03
N PRO B 251 19.71 23.00 -19.15
CA PRO B 251 19.62 24.47 -19.05
C PRO B 251 19.91 25.17 -20.37
N ASN B 252 19.39 26.39 -20.50
CA ASN B 252 19.53 27.27 -21.67
C ASN B 252 18.87 26.70 -22.92
N HIS B 253 17.56 26.46 -22.84
CA HIS B 253 16.75 25.93 -23.94
C HIS B 253 17.34 24.67 -24.59
N LYS B 254 18.17 23.93 -23.85
CA LYS B 254 18.83 22.73 -24.36
C LYS B 254 18.16 21.46 -23.84
N TYR B 255 18.54 20.34 -24.44
CA TYR B 255 18.09 19.00 -24.05
C TYR B 255 19.32 18.09 -24.03
N GLY B 256 19.11 16.84 -23.66
CA GLY B 256 20.22 15.91 -23.57
C GLY B 256 19.82 14.67 -22.80
N ARG B 257 20.70 13.67 -22.86
CA ARG B 257 20.44 12.35 -22.28
C ARG B 257 21.31 12.14 -21.05
N LEU B 258 20.75 11.48 -20.03
CA LEU B 258 21.52 11.17 -18.83
C LEU B 258 21.22 9.76 -18.36
N THR B 259 22.07 9.24 -17.48
CA THR B 259 21.89 7.87 -17.02
C THR B 259 22.22 7.71 -15.53
N GLY B 260 21.38 6.95 -14.83
CA GLY B 260 21.51 6.73 -13.40
C GLY B 260 20.13 6.63 -12.76
N THR B 261 20.10 6.07 -11.54
CA THR B 261 18.82 5.95 -10.81
C THR B 261 18.15 7.31 -10.65
N SER B 262 18.94 8.39 -10.63
CA SER B 262 18.41 9.75 -10.65
C SER B 262 17.47 9.98 -11.81
N MET B 263 17.67 9.28 -12.93
CA MET B 263 16.73 9.34 -14.03
C MET B 263 15.50 8.50 -13.80
N ALA B 264 15.59 7.52 -12.92
CA ALA B 264 14.46 6.62 -12.73
C ALA B 264 13.44 7.21 -11.76
N ALA B 265 13.90 7.79 -10.66
CA ALA B 265 12.97 8.32 -9.66
C ALA B 265 11.99 9.33 -10.23
N PRO B 266 12.40 10.31 -11.05
CA PRO B 266 11.41 11.27 -11.54
C PRO B 266 10.29 10.63 -12.37
N HIS B 267 10.56 9.53 -13.06
CA HIS B 267 9.46 8.78 -13.65
C HIS B 267 8.41 8.42 -12.60
N VAL B 268 8.84 7.94 -11.44
CA VAL B 268 7.89 7.62 -10.39
C VAL B 268 7.21 8.88 -9.85
N SER B 269 7.98 9.94 -9.57
CA SER B 269 7.41 11.16 -8.99
C SER B 269 6.25 11.69 -9.82
N GLY B 270 6.51 11.94 -11.11
CA GLY B 270 5.44 12.36 -12.00
C GLY B 270 4.31 11.35 -12.10
N ALA B 271 4.60 10.06 -11.89
CA ALA B 271 3.56 9.04 -11.98
C ALA B 271 2.55 9.17 -10.85
N LEU B 272 3.02 9.39 -9.62
CA LEU B 272 2.08 9.50 -8.52
C LEU B 272 1.12 10.67 -8.72
N ALA B 273 1.59 11.74 -9.35
CA ALA B 273 0.70 12.84 -9.74
C ALA B 273 -0.48 12.31 -10.56
N ILE B 274 -0.19 11.72 -11.72
CA ILE B 274 -1.21 11.05 -12.54
C ILE B 274 -2.03 10.09 -11.70
N ILE B 275 -1.37 9.23 -10.92
CA ILE B 275 -2.07 8.19 -10.17
C ILE B 275 -2.97 8.82 -9.11
N LYS B 276 -2.44 9.78 -8.35
CA LYS B 276 -3.25 10.48 -7.37
C LYS B 276 -4.53 11.05 -7.98
N ASN B 277 -4.45 11.56 -9.21
CA ASN B 277 -5.65 12.07 -9.89
C ASN B 277 -6.59 10.95 -10.32
N ALA B 278 -6.03 9.85 -10.83
CA ALA B 278 -6.87 8.75 -11.32
C ALA B 278 -7.70 8.16 -10.17
N GLU B 279 -7.02 7.60 -9.17
CA GLU B 279 -7.71 6.90 -8.09
C GLU B 279 -8.62 7.83 -7.29
N GLU B 280 -8.24 9.09 -7.12
CA GLU B 280 -9.13 9.98 -6.39
C GLU B 280 -10.45 10.21 -7.14
N GLU B 281 -10.44 10.21 -8.46
CA GLU B 281 -11.71 10.18 -9.17
C GLU B 281 -12.45 8.87 -8.89
N ALA B 282 -11.80 7.74 -9.20
CA ALA B 282 -12.44 6.43 -9.03
C ALA B 282 -13.05 6.26 -7.64
N PHE B 283 -12.34 6.70 -6.58
CA PHE B 283 -12.88 6.58 -5.23
C PHE B 283 -13.75 7.77 -4.86
N GLN B 284 -13.61 8.89 -5.57
CA GLN B 284 -14.37 10.13 -5.33
C GLN B 284 -14.05 10.73 -3.96
N ARG B 285 -12.79 10.63 -3.55
CA ARG B 285 -12.31 11.28 -2.34
C ARG B 285 -10.82 11.52 -2.52
N LYS B 286 -10.18 12.07 -1.49
CA LYS B 286 -8.73 12.21 -1.46
C LYS B 286 -8.12 10.98 -0.81
N LEU B 287 -7.07 10.44 -1.41
CA LEU B 287 -6.39 9.27 -0.87
C LEU B 287 -5.30 9.66 0.13
N THR B 288 -4.99 8.73 1.04
CA THR B 288 -3.89 8.91 1.97
C THR B 288 -2.60 8.37 1.36
N GLU B 289 -1.50 8.68 2.04
CA GLU B 289 -0.17 8.25 1.60
C GLU B 289 -0.03 6.73 1.55
N PRO B 290 -0.55 5.94 2.50
CA PRO B 290 -0.50 4.49 2.31
C PRO B 290 -1.41 3.98 1.19
N GLU B 291 -2.55 4.63 0.96
CA GLU B 291 -3.40 4.22 -0.14
C GLU B 291 -2.74 4.52 -1.48
N ILE B 292 -2.15 5.70 -1.64
CA ILE B 292 -1.53 6.03 -2.91
C ILE B 292 -0.37 5.07 -3.17
N TYR B 293 0.43 4.79 -2.13
CA TYR B 293 1.49 3.79 -2.28
C TYR B 293 0.94 2.47 -2.79
N ALA B 294 -0.09 1.94 -2.11
CA ALA B 294 -0.76 0.74 -2.62
C ALA B 294 -1.10 0.89 -4.10
N GLN B 295 -1.64 2.05 -4.48
CA GLN B 295 -2.00 2.25 -5.87
C GLN B 295 -0.77 2.43 -6.75
N LEU B 296 0.38 2.78 -6.17
CA LEU B 296 1.61 2.69 -6.95
C LEU B 296 1.92 1.24 -7.28
N VAL B 297 1.95 0.39 -6.26
CA VAL B 297 2.37 -0.99 -6.45
C VAL B 297 1.37 -1.75 -7.30
N ARG B 298 0.12 -1.28 -7.36
CA ARG B 298 -0.86 -1.99 -8.19
C ARG B 298 -0.56 -1.77 -9.65
N ARG B 299 -0.11 -0.56 -9.99
CA ARG B 299 0.22 -0.20 -11.40
C ARG B 299 1.63 -0.70 -11.72
N THR B 300 2.11 -1.70 -10.97
CA THR B 300 3.47 -2.28 -11.19
C THR B 300 3.34 -3.57 -12.01
N LEU B 301 4.43 -4.00 -12.64
CA LEU B 301 4.43 -5.24 -13.47
C LEU B 301 5.46 -6.23 -12.91
N PRO B 302 5.05 -7.43 -12.46
CA PRO B 302 6.00 -8.41 -11.92
C PRO B 302 7.16 -8.68 -12.89
N LEU B 303 8.39 -8.67 -12.38
CA LEU B 303 9.59 -8.91 -13.23
C LEU B 303 10.23 -10.25 -12.81
N LYS B 304 10.90 -10.93 -13.75
CA LYS B 304 11.55 -12.20 -13.48
C LYS B 304 12.94 -12.02 -12.86
N GLN B 305 13.20 -10.91 -12.20
CA GLN B 305 14.48 -10.68 -11.56
C GLN B 305 14.24 -10.44 -10.09
N SER B 306 15.31 -10.59 -9.31
CA SER B 306 15.21 -10.54 -7.87
C SER B 306 14.61 -9.21 -7.41
N LYS B 307 13.74 -9.29 -6.40
CA LYS B 307 13.26 -8.08 -5.75
C LYS B 307 14.41 -7.23 -5.25
N ALA B 308 15.57 -7.83 -4.98
CA ALA B 308 16.70 -7.06 -4.50
C ALA B 308 17.13 -6.01 -5.49
N LEU B 309 16.93 -6.27 -6.79
CA LEU B 309 17.31 -5.32 -7.82
C LEU B 309 16.13 -4.51 -8.37
N VAL B 310 14.92 -5.07 -8.40
CA VAL B 310 13.80 -4.46 -9.11
C VAL B 310 12.60 -4.20 -8.21
N GLY B 311 12.66 -4.63 -6.94
CA GLY B 311 11.51 -4.49 -6.06
C GLY B 311 10.28 -5.16 -6.63
N ASN B 312 9.20 -4.40 -6.66
CA ASN B 312 7.95 -4.93 -7.17
C ASN B 312 7.93 -5.06 -8.68
N GLY B 313 8.86 -4.41 -9.39
CA GLY B 313 8.94 -4.50 -10.84
C GLY B 313 8.89 -3.14 -11.51
N PHE B 314 8.31 -3.12 -12.71
CA PHE B 314 8.45 -1.99 -13.63
C PHE B 314 7.24 -1.07 -13.52
N LEU B 315 7.51 0.23 -13.39
CA LEU B 315 6.43 1.21 -13.34
C LEU B 315 5.63 1.16 -14.65
N TYR B 316 4.40 0.66 -14.58
CA TYR B 316 3.62 0.28 -15.76
C TYR B 316 2.16 0.62 -15.48
N LEU B 317 1.74 1.81 -15.93
CA LEU B 317 0.59 2.47 -15.32
C LEU B 317 -0.76 1.91 -15.78
N THR B 318 -0.80 1.13 -16.86
CA THR B 318 -2.03 0.46 -17.28
C THR B 318 -2.15 -0.95 -16.70
N ALA B 319 -1.26 -1.34 -15.79
CA ALA B 319 -1.15 -2.74 -15.40
C ALA B 319 -2.44 -3.38 -14.88
N PRO B 320 -3.29 -2.70 -14.11
CA PRO B 320 -4.55 -3.36 -13.70
C PRO B 320 -5.62 -3.34 -14.77
N ASP B 321 -5.43 -2.59 -15.85
CA ASP B 321 -6.28 -2.76 -17.03
C ASP B 321 -5.95 -4.05 -17.76
N VAL B 322 -4.66 -4.39 -17.84
CA VAL B 322 -4.17 -5.67 -18.36
C VAL B 322 -4.79 -6.85 -17.61
N LEU B 323 -5.39 -6.57 -16.44
CA LEU B 323 -6.05 -7.57 -15.62
C LEU B 323 -7.51 -7.76 -16.03
N LEU B 324 -8.20 -6.68 -16.38
CA LEU B 324 -9.41 -6.78 -17.18
C LEU B 324 -9.08 -7.48 -18.51
N GLU B 325 -9.35 -8.79 -18.59
CA GLU B 325 -9.14 -9.53 -19.83
C GLU B 325 -9.99 -10.80 -19.88
N LYS C 18 -23.21 2.08 26.27
CA LYS C 18 -23.74 3.25 25.58
C LYS C 18 -23.65 3.10 24.05
N GLY C 19 -22.65 2.33 23.58
CA GLY C 19 -22.45 2.08 22.17
C GLY C 19 -22.25 0.60 21.93
N GLU C 20 -22.94 0.01 20.95
CA GLU C 20 -22.99 -1.44 20.78
C GLU C 20 -22.60 -1.85 19.37
N ILE C 21 -22.08 -3.08 19.26
CA ILE C 21 -21.85 -3.72 17.97
C ILE C 21 -22.47 -5.12 17.99
N ARG C 22 -22.76 -5.62 16.79
CA ARG C 22 -23.20 -7.00 16.60
C ARG C 22 -22.43 -7.60 15.43
N LEU C 23 -22.37 -8.92 15.35
CA LEU C 23 -21.81 -9.49 14.13
C LEU C 23 -22.74 -9.24 12.94
N ILE C 24 -22.26 -9.59 11.75
CA ILE C 24 -22.72 -8.95 10.54
C ILE C 24 -22.63 -9.92 9.35
N LYS D 18 30.12 14.91 9.44
CA LYS D 18 29.47 15.56 8.30
C LYS D 18 29.01 14.56 7.22
N GLY D 19 27.70 14.56 6.94
CA GLY D 19 27.07 13.69 5.97
C GLY D 19 27.53 13.86 4.51
N GLU D 20 26.96 14.83 3.79
CA GLU D 20 27.22 15.06 2.36
C GLU D 20 26.60 13.97 1.47
N ILE D 21 26.13 14.37 0.29
CA ILE D 21 25.47 13.43 -0.62
C ILE D 21 25.44 14.06 -2.00
N ARG D 22 25.68 13.22 -3.01
CA ARG D 22 25.78 13.66 -4.39
C ARG D 22 24.55 13.23 -5.17
N LEU D 23 24.33 13.89 -6.29
CA LEU D 23 23.28 13.40 -7.18
C LEU D 23 23.67 12.00 -7.66
N ILE D 24 22.66 11.23 -8.01
CA ILE D 24 22.88 9.81 -8.13
C ILE D 24 22.07 9.31 -9.32
C1 PEG E . -4.63 1.12 4.57
O1 PEG E . -3.76 1.33 5.69
C2 PEG E . -6.01 0.37 5.06
O2 PEG E . -7.17 0.83 4.28
C3 PEG E . -6.99 2.19 3.75
C4 PEG E . -7.97 2.51 2.57
O4 PEG E . -9.28 2.92 3.02
CA CA F . -26.06 0.64 -0.36
CA CA G . -9.44 1.33 4.45
C1 PEG H . 10.26 0.06 1.10
O1 PEG H . 11.13 1.18 1.02
C2 PEG H . 8.92 0.44 1.88
O2 PEG H . 7.88 0.69 0.94
C3 PEG H . 7.08 1.91 1.17
C4 PEG H . 6.20 1.74 2.44
O4 PEG H . 5.35 2.84 2.46
CA CA I . 24.72 -5.50 -6.81
CA CA J . 9.47 2.54 0.61
#